data_1A97
#
_entry.id   1A97
#
_cell.length_a   94.042
_cell.length_b   94.042
_cell.length_c   166.914
_cell.angle_alpha   90.00
_cell.angle_beta   90.00
_cell.angle_gamma   90.00
#
_symmetry.space_group_name_H-M   'P 43 21 2'
#
loop_
_entity.id
_entity.type
_entity.pdbx_description
1 polymer 'XANTHINE-GUANINE PHOSPHORIBOSYLTRANSFERASE'
2 non-polymer 'BORIC ACID'
3 non-polymer "GUANOSINE-5'-MONOPHOSPHATE"
4 water water
#
_entity_poly.entity_id   1
_entity_poly.type   'polypeptide(L)'
_entity_poly.pdbx_seq_one_letter_code
;EKYIVTWDMLQIHARKLASRLMPSEQWKGIIAVSRGGLVPGALLARELGIRHVDTVAISSYDHDNQRELKVLKRAEGDGE
GFIVIDDLVDTGGTAVAIREMYPKAHFVTIFAKPAGRPLVDDYVVDIPQDTWIEQPWDMGVVFVPPIS
;
_entity_poly.pdbx_strand_id   A,B,C,D
#
# COMPACT_ATOMS: atom_id res chain seq x y z
N GLU A 1 22.85 -6.22 1.55
CA GLU A 1 21.53 -6.09 0.92
C GLU A 1 20.48 -5.55 1.89
N LYS A 2 19.51 -4.83 1.36
CA LYS A 2 18.44 -4.25 2.17
C LYS A 2 17.08 -4.85 1.83
N TYR A 3 16.49 -5.51 2.82
CA TYR A 3 15.18 -6.15 2.68
C TYR A 3 14.08 -5.15 3.01
N ILE A 4 13.30 -4.78 1.99
CA ILE A 4 12.21 -3.83 2.16
C ILE A 4 10.88 -4.47 2.55
N VAL A 5 10.31 -3.99 3.65
CA VAL A 5 9.04 -4.50 4.16
C VAL A 5 8.00 -3.38 4.12
N THR A 6 6.88 -3.65 3.45
CA THR A 6 5.81 -2.66 3.35
C THR A 6 4.73 -3.03 4.35
N TRP A 7 3.88 -2.05 4.69
CA TRP A 7 2.80 -2.29 5.63
C TRP A 7 1.94 -3.46 5.20
N ASP A 8 1.65 -3.54 3.91
CA ASP A 8 0.84 -4.62 3.34
C ASP A 8 1.47 -5.98 3.56
N MET A 9 2.76 -6.09 3.26
CA MET A 9 3.49 -7.35 3.41
C MET A 9 3.61 -7.74 4.88
N LEU A 10 3.84 -6.76 5.74
CA LEU A 10 3.95 -7.00 7.17
C LEU A 10 2.64 -7.55 7.69
N GLN A 11 1.54 -6.96 7.24
CA GLN A 11 0.20 -7.37 7.65
C GLN A 11 -0.11 -8.79 7.18
N ILE A 12 0.46 -9.18 6.05
CA ILE A 12 0.26 -10.51 5.49
C ILE A 12 0.98 -11.54 6.37
N HIS A 13 2.21 -11.21 6.78
CA HIS A 13 3.00 -12.08 7.64
C HIS A 13 2.37 -12.19 9.02
N ALA A 14 1.90 -11.06 9.53
CA ALA A 14 1.26 -11.01 10.85
C ALA A 14 0.04 -11.92 10.90
N ARG A 15 -0.73 -11.96 9.81
CA ARG A 15 -1.91 -12.81 9.75
C ARG A 15 -1.53 -14.28 9.70
N LYS A 16 -0.38 -14.58 9.09
CA LYS A 16 0.09 -15.95 8.99
C LYS A 16 0.49 -16.46 10.38
N LEU A 17 1.12 -15.60 11.17
CA LEU A 17 1.53 -15.95 12.52
C LEU A 17 0.31 -16.04 13.43
N ALA A 18 -0.67 -15.18 13.19
CA ALA A 18 -1.90 -15.16 13.98
C ALA A 18 -2.68 -16.46 13.87
N SER A 19 -2.60 -17.10 12.71
CA SER A 19 -3.30 -18.37 12.49
C SER A 19 -2.67 -19.52 13.27
N ARG A 20 -1.35 -19.47 13.44
CA ARG A 20 -0.64 -20.51 14.18
C ARG A 20 -0.84 -20.34 15.68
N LEU A 21 -1.40 -19.20 16.07
CA LEU A 21 -1.67 -18.89 17.47
C LEU A 21 -3.08 -19.25 17.90
N MET A 22 -3.78 -19.99 17.04
CA MET A 22 -5.15 -20.42 17.33
C MET A 22 -5.11 -21.73 18.13
N PRO A 23 -6.09 -21.95 19.02
CA PRO A 23 -7.24 -21.09 19.33
C PRO A 23 -6.82 -19.87 20.15
N SER A 24 -7.66 -18.84 20.14
CA SER A 24 -7.40 -17.61 20.87
C SER A 24 -7.63 -17.72 22.37
N GLU A 25 -8.50 -18.65 22.76
CA GLU A 25 -8.84 -18.87 24.16
C GLU A 25 -7.65 -19.27 25.03
N GLN A 26 -6.62 -19.86 24.41
CA GLN A 26 -5.43 -20.29 25.13
C GLN A 26 -4.49 -19.15 25.54
N TRP A 27 -4.90 -17.92 25.23
CA TRP A 27 -4.09 -16.74 25.56
C TRP A 27 -4.86 -15.75 26.43
N LYS A 28 -4.13 -15.10 27.34
CA LYS A 28 -4.72 -14.11 28.24
C LYS A 28 -4.44 -12.70 27.75
N GLY A 29 -3.30 -12.52 27.09
CA GLY A 29 -2.95 -11.21 26.58
C GLY A 29 -1.71 -11.23 25.71
N ILE A 30 -1.27 -10.05 25.29
CA ILE A 30 -0.11 -9.91 24.45
C ILE A 30 0.82 -8.84 25.02
N ILE A 31 2.10 -9.19 25.15
CA ILE A 31 3.11 -8.29 25.66
C ILE A 31 3.98 -7.87 24.48
N ALA A 32 3.77 -6.65 23.99
CA ALA A 32 4.53 -6.12 22.87
C ALA A 32 5.81 -5.44 23.32
N VAL A 33 6.92 -5.83 22.70
CA VAL A 33 8.21 -5.24 23.01
C VAL A 33 8.34 -3.92 22.26
N SER A 34 8.41 -2.83 23.01
CA SER A 34 8.55 -1.49 22.43
C SER A 34 9.97 -1.34 21.87
N ARG A 35 10.09 -0.78 20.67
CA ARG A 35 8.97 -0.29 19.88
C ARG A 35 8.68 -1.22 18.70
N GLY A 36 9.62 -2.10 18.40
CA GLY A 36 9.48 -3.01 17.27
C GLY A 36 8.23 -3.86 17.22
N GLY A 37 7.87 -4.47 18.35
CA GLY A 37 6.69 -5.33 18.39
C GLY A 37 5.36 -4.64 18.63
N LEU A 38 5.35 -3.31 18.66
CA LEU A 38 4.10 -2.58 18.89
C LEU A 38 3.08 -2.77 17.77
N VAL A 39 3.51 -2.58 16.53
CA VAL A 39 2.62 -2.76 15.39
C VAL A 39 2.28 -4.23 15.19
N PRO A 40 3.30 -5.12 15.19
CA PRO A 40 2.98 -6.54 15.01
C PRO A 40 2.06 -7.07 16.11
N GLY A 41 2.26 -6.55 17.33
CA GLY A 41 1.42 -6.96 18.45
C GLY A 41 0.00 -6.48 18.30
N ALA A 42 -0.15 -5.28 17.75
CA ALA A 42 -1.47 -4.68 17.53
C ALA A 42 -2.25 -5.46 16.49
N LEU A 43 -1.53 -6.00 15.50
CA LEU A 43 -2.16 -6.79 14.44
C LEU A 43 -2.64 -8.14 14.96
N LEU A 44 -1.86 -8.76 15.84
CA LEU A 44 -2.23 -10.05 16.42
C LEU A 44 -3.42 -9.86 17.35
N ALA A 45 -3.38 -8.78 18.13
CA ALA A 45 -4.45 -8.45 19.07
C ALA A 45 -5.78 -8.36 18.33
N ARG A 46 -5.75 -7.76 17.14
CA ARG A 46 -6.94 -7.60 16.31
C ARG A 46 -7.41 -8.93 15.74
N GLU A 47 -6.49 -9.64 15.10
CA GLU A 47 -6.79 -10.93 14.48
C GLU A 47 -7.29 -11.98 15.47
N LEU A 48 -6.74 -11.96 16.69
CA LEU A 48 -7.13 -12.91 17.72
C LEU A 48 -8.23 -12.39 18.64
N GLY A 49 -8.52 -11.09 18.57
CA GLY A 49 -9.55 -10.51 19.40
C GLY A 49 -9.13 -10.38 20.85
N ILE A 50 -7.86 -10.02 21.05
CA ILE A 50 -7.29 -9.83 22.38
C ILE A 50 -7.26 -8.34 22.74
N ARG A 51 -8.00 -7.97 23.79
CA ARG A 51 -8.04 -6.58 24.22
C ARG A 51 -6.97 -6.24 25.25
N HIS A 52 -6.39 -7.26 25.88
CA HIS A 52 -5.33 -7.02 26.86
C HIS A 52 -3.98 -7.02 26.16
N VAL A 53 -3.46 -5.83 25.91
CA VAL A 53 -2.18 -5.66 25.24
C VAL A 53 -1.27 -4.76 26.07
N ASP A 54 -0.26 -5.35 26.71
CA ASP A 54 0.67 -4.60 27.52
C ASP A 54 2.04 -4.54 26.81
N THR A 55 2.94 -3.71 27.32
CA THR A 55 4.26 -3.55 26.71
C THR A 55 5.43 -3.73 27.67
N VAL A 56 6.63 -3.78 27.08
CA VAL A 56 7.88 -3.90 27.83
C VAL A 56 8.89 -3.02 27.10
N ALA A 57 9.33 -1.97 27.77
CA ALA A 57 10.30 -1.04 27.21
C ALA A 57 11.69 -1.30 27.76
N ILE A 58 12.63 -1.59 26.87
CA ILE A 58 14.00 -1.87 27.26
C ILE A 58 14.96 -0.96 26.47
N SER A 59 15.91 -0.36 27.18
CA SER A 59 16.89 0.53 26.56
C SER A 59 18.30 -0.02 26.75
N SER A 60 19.23 0.45 25.92
CA SER A 60 20.62 0.00 25.97
C SER A 60 21.58 1.08 26.46
N TYR A 61 22.43 0.71 27.42
CA TYR A 61 23.42 1.61 27.98
C TYR A 61 24.81 1.10 27.61
N ASP A 62 25.54 1.88 26.82
CA ASP A 62 26.88 1.48 26.39
C ASP A 62 27.81 2.70 26.26
N ARG A 67 27.91 -3.80 27.28
CA ARG A 67 26.57 -3.36 26.94
C ARG A 67 25.56 -3.79 28.01
N GLU A 68 24.86 -2.81 28.58
CA GLU A 68 23.89 -3.08 29.62
C GLU A 68 22.44 -2.86 29.19
N LEU A 69 21.52 -3.44 29.95
CA LEU A 69 20.10 -3.32 29.68
C LEU A 69 19.48 -2.42 30.74
N LYS A 70 18.47 -1.66 30.33
CA LYS A 70 17.78 -0.76 31.25
C LYS A 70 16.28 -0.91 31.03
N VAL A 71 15.65 -1.75 31.83
CA VAL A 71 14.22 -2.00 31.74
C VAL A 71 13.47 -0.73 32.12
N LEU A 72 13.06 0.03 31.11
CA LEU A 72 12.32 1.28 31.32
C LEU A 72 10.95 1.00 31.91
N LYS A 73 10.22 0.10 31.27
CA LYS A 73 8.88 -0.27 31.70
C LYS A 73 8.75 -1.79 31.59
N ARG A 74 8.20 -2.40 32.62
CA ARG A 74 8.05 -3.85 32.65
C ARG A 74 6.61 -4.31 32.92
N ALA A 75 6.13 -5.24 32.10
CA ALA A 75 4.78 -5.78 32.26
C ALA A 75 4.83 -6.75 33.45
N GLU A 76 3.76 -6.80 34.24
CA GLU A 76 3.72 -7.66 35.39
C GLU A 76 3.58 -9.14 35.06
N GLY A 77 3.93 -9.99 36.02
CA GLY A 77 3.83 -11.43 35.83
C GLY A 77 5.08 -12.11 35.37
N ASP A 78 4.94 -13.39 35.04
CA ASP A 78 6.03 -14.22 34.55
C ASP A 78 5.80 -14.61 33.10
N GLY A 79 4.75 -14.04 32.51
CA GLY A 79 4.43 -14.31 31.12
C GLY A 79 3.58 -15.53 30.83
N GLU A 80 3.08 -16.20 31.88
CA GLU A 80 2.26 -17.38 31.66
C GLU A 80 0.90 -17.03 31.07
N GLY A 81 0.62 -17.59 29.90
CA GLY A 81 -0.65 -17.33 29.24
C GLY A 81 -0.61 -16.06 28.40
N PHE A 82 0.60 -15.61 28.09
CA PHE A 82 0.79 -14.41 27.28
C PHE A 82 1.63 -14.69 26.06
N ILE A 83 1.60 -13.76 25.13
CA ILE A 83 2.37 -13.84 23.90
C ILE A 83 3.28 -12.63 23.90
N VAL A 84 4.58 -12.85 23.82
CA VAL A 84 5.53 -11.75 23.78
C VAL A 84 5.98 -11.63 22.34
N ILE A 85 5.79 -10.45 21.75
CA ILE A 85 6.16 -10.25 20.36
C ILE A 85 7.04 -9.04 20.08
N ASP A 86 8.03 -9.27 19.21
CA ASP A 86 8.96 -8.24 18.77
C ASP A 86 8.98 -8.38 17.26
N ASP A 87 9.35 -7.30 16.55
CA ASP A 87 9.37 -7.34 15.08
C ASP A 87 10.32 -8.38 14.49
N LEU A 88 11.53 -8.47 15.03
CA LEU A 88 12.52 -9.41 14.51
C LEU A 88 13.49 -9.91 15.57
N VAL A 89 14.26 -10.92 15.19
CA VAL A 89 15.27 -11.51 16.07
C VAL A 89 16.55 -11.63 15.28
N ASP A 90 17.47 -10.71 15.54
CA ASP A 90 18.75 -10.67 14.85
C ASP A 90 19.77 -11.60 15.50
N THR A 91 20.04 -11.37 16.78
CA THR A 91 21.00 -12.18 17.51
C THR A 91 20.41 -12.85 18.75
N GLY A 92 19.72 -12.08 19.56
CA GLY A 92 19.11 -12.62 20.77
C GLY A 92 19.61 -11.92 22.02
N GLY A 93 20.30 -10.80 21.83
CA GLY A 93 20.81 -10.03 22.95
C GLY A 93 19.67 -9.41 23.75
N THR A 94 18.59 -9.10 23.05
CA THR A 94 17.39 -8.51 23.65
C THR A 94 16.43 -9.63 24.03
N ALA A 95 16.34 -10.64 23.15
CA ALA A 95 15.47 -11.79 23.36
C ALA A 95 15.85 -12.59 24.60
N VAL A 96 17.14 -12.64 24.91
CA VAL A 96 17.64 -13.36 26.07
C VAL A 96 17.11 -12.74 27.36
N ALA A 97 17.04 -11.42 27.40
CA ALA A 97 16.53 -10.69 28.56
C ALA A 97 15.02 -10.88 28.66
N ILE A 98 14.35 -10.86 27.50
CA ILE A 98 12.90 -11.04 27.43
C ILE A 98 12.52 -12.44 27.90
N ARG A 99 13.37 -13.40 27.55
CA ARG A 99 13.17 -14.80 27.92
C ARG A 99 13.17 -15.00 29.42
N GLU A 100 14.22 -14.52 30.08
CA GLU A 100 14.34 -14.66 31.54
C GLU A 100 13.34 -13.82 32.31
N MET A 101 12.81 -12.78 31.68
CA MET A 101 11.81 -11.93 32.32
C MET A 101 10.47 -12.65 32.31
N TYR A 102 10.16 -13.27 31.18
CA TYR A 102 8.91 -14.01 31.00
C TYR A 102 9.21 -15.42 30.51
N PRO A 103 9.74 -16.28 31.40
CA PRO A 103 10.10 -17.67 31.08
C PRO A 103 8.95 -18.54 30.57
N LYS A 104 7.74 -18.28 31.07
CA LYS A 104 6.56 -19.06 30.67
C LYS A 104 5.80 -18.45 29.49
N ALA A 105 6.34 -17.39 28.89
CA ALA A 105 5.70 -16.74 27.77
C ALA A 105 6.03 -17.37 26.43
N HIS A 106 5.10 -17.23 25.49
CA HIS A 106 5.27 -17.75 24.13
C HIS A 106 5.86 -16.63 23.28
N PHE A 107 7.18 -16.60 23.19
CA PHE A 107 7.90 -15.58 22.43
C PHE A 107 7.86 -15.79 20.92
N VAL A 108 7.32 -14.81 20.20
CA VAL A 108 7.21 -14.88 18.74
C VAL A 108 7.67 -13.59 18.06
N THR A 109 8.05 -13.71 16.78
CA THR A 109 8.48 -12.56 15.99
C THR A 109 8.05 -12.77 14.54
N ILE A 110 8.23 -11.75 13.71
CA ILE A 110 7.86 -11.84 12.30
C ILE A 110 9.07 -12.37 11.52
N PHE A 111 10.17 -11.64 11.60
CA PHE A 111 11.41 -12.01 10.90
C PHE A 111 12.39 -12.62 11.90
N ALA A 112 13.28 -13.46 11.40
CA ALA A 112 14.26 -14.10 12.26
C ALA A 112 15.52 -14.49 11.51
N LYS A 113 16.64 -13.94 11.95
CA LYS A 113 17.92 -14.24 11.33
C LYS A 113 18.48 -15.52 11.95
N PRO A 114 19.39 -16.20 11.24
CA PRO A 114 20.00 -17.46 11.70
C PRO A 114 20.49 -17.52 13.15
N ALA A 115 21.21 -16.50 13.59
CA ALA A 115 21.74 -16.47 14.95
C ALA A 115 20.67 -16.44 16.03
N GLY A 116 19.60 -15.70 15.79
CA GLY A 116 18.55 -15.60 16.78
C GLY A 116 17.40 -16.59 16.65
N ARG A 117 17.35 -17.30 15.52
CA ARG A 117 16.29 -18.27 15.25
C ARG A 117 15.98 -19.26 16.38
N PRO A 118 17.02 -19.79 17.06
CA PRO A 118 16.72 -20.73 18.15
C PRO A 118 16.14 -20.13 19.42
N LEU A 119 16.22 -18.81 19.56
CA LEU A 119 15.72 -18.13 20.74
C LEU A 119 14.19 -17.95 20.75
N VAL A 120 13.58 -17.85 19.57
CA VAL A 120 12.14 -17.66 19.47
C VAL A 120 11.35 -18.95 19.38
N ASP A 121 10.12 -18.92 19.87
CA ASP A 121 9.23 -20.07 19.84
C ASP A 121 8.63 -20.26 18.45
N ASP A 122 8.46 -19.16 17.73
CA ASP A 122 7.89 -19.20 16.38
C ASP A 122 8.09 -17.87 15.67
N TYR A 123 8.33 -17.94 14.36
CA TYR A 123 8.51 -16.77 13.51
C TYR A 123 7.90 -17.07 12.14
N VAL A 124 7.85 -16.06 11.28
CA VAL A 124 7.26 -16.27 9.96
C VAL A 124 8.26 -16.32 8.80
N VAL A 125 9.11 -15.29 8.69
CA VAL A 125 10.08 -15.20 7.61
C VAL A 125 11.55 -15.34 8.00
N ASP A 126 12.31 -16.04 7.15
CA ASP A 126 13.74 -16.25 7.33
C ASP A 126 14.52 -15.16 6.59
N ILE A 127 15.38 -14.46 7.31
CA ILE A 127 16.18 -13.40 6.72
C ILE A 127 17.66 -13.70 6.91
N PRO A 128 18.48 -13.47 5.86
CA PRO A 128 19.92 -13.75 5.99
C PRO A 128 20.55 -12.82 7.04
N GLN A 129 21.57 -13.33 7.73
CA GLN A 129 22.25 -12.59 8.78
C GLN A 129 22.82 -11.23 8.37
N ASP A 130 23.22 -11.12 7.10
CA ASP A 130 23.81 -9.89 6.58
C ASP A 130 22.81 -8.91 5.95
N THR A 131 21.51 -9.21 6.05
CA THR A 131 20.50 -8.36 5.45
C THR A 131 19.78 -7.42 6.41
N TRP A 132 19.75 -6.14 6.05
CA TRP A 132 19.06 -5.13 6.86
C TRP A 132 17.60 -5.11 6.46
N ILE A 133 16.72 -5.24 7.45
CA ILE A 133 15.28 -5.22 7.20
C ILE A 133 14.72 -3.82 7.43
N GLU A 134 14.25 -3.20 6.36
CA GLU A 134 13.67 -1.87 6.44
C GLU A 134 12.18 -2.01 6.72
N GLN A 135 11.80 -1.71 7.96
CA GLN A 135 10.41 -1.79 8.39
C GLN A 135 9.61 -0.60 7.86
N PRO A 136 8.31 -0.80 7.58
CA PRO A 136 7.43 0.25 7.07
C PRO A 136 7.33 1.53 7.88
N TRP A 137 7.57 1.45 9.18
CA TRP A 137 7.51 2.65 10.03
C TRP A 137 8.73 3.56 9.89
N ASP A 138 9.77 3.05 9.24
CA ASP A 138 10.99 3.82 8.99
C ASP A 138 10.98 4.38 7.57
N MET A 139 9.91 4.08 6.83
CA MET A 139 9.79 4.52 5.44
C MET A 139 8.57 5.42 5.19
N GLY A 140 8.43 5.85 3.94
CA GLY A 140 7.33 6.70 3.54
C GLY A 140 7.26 6.79 2.03
N VAL A 141 6.12 7.28 1.51
CA VAL A 141 5.93 7.40 0.08
C VAL A 141 6.29 8.81 -0.41
N VAL A 142 7.49 8.96 -0.95
CA VAL A 142 7.93 10.28 -1.43
C VAL A 142 8.40 10.22 -2.88
N PHE A 143 8.59 11.41 -3.47
CA PHE A 143 9.04 11.53 -4.85
C PHE A 143 10.40 10.90 -5.09
N VAL A 144 10.48 10.08 -6.14
CA VAL A 144 11.73 9.41 -6.52
C VAL A 144 12.01 9.74 -7.99
N PRO A 145 13.13 10.45 -8.26
CA PRO A 145 13.57 10.86 -9.60
C PRO A 145 13.68 9.71 -10.60
N PRO A 146 13.47 10.01 -11.89
CA PRO A 146 13.55 8.99 -12.93
C PRO A 146 15.01 8.59 -13.16
N ILE A 147 15.24 7.33 -13.51
CA ILE A 147 16.58 6.83 -13.76
C ILE A 147 17.22 7.54 -14.97
N SER A 148 16.39 7.91 -15.95
CA SER A 148 16.87 8.59 -17.14
C SER A 148 16.42 10.05 -17.15
N GLU B 1 -21.94 5.96 4.82
CA GLU B 1 -20.78 6.67 4.31
C GLU B 1 -19.49 5.98 4.74
N LYS B 2 -18.76 5.42 3.78
CA LYS B 2 -17.52 4.72 4.08
C LYS B 2 -16.23 5.48 3.75
N TYR B 3 -15.45 5.75 4.79
CA TYR B 3 -14.18 6.46 4.66
C TYR B 3 -13.01 5.47 4.77
N ILE B 4 -12.33 5.25 3.65
CA ILE B 4 -11.20 4.33 3.61
C ILE B 4 -9.86 4.96 4.01
N VAL B 5 -9.14 4.28 4.90
CA VAL B 5 -7.84 4.75 5.36
C VAL B 5 -6.79 3.67 5.12
N THR B 6 -5.83 3.96 4.25
CA THR B 6 -4.77 3.01 3.95
C THR B 6 -3.61 3.22 4.93
N TRP B 7 -2.68 2.27 4.95
CA TRP B 7 -1.52 2.34 5.82
C TRP B 7 -0.69 3.59 5.55
N ASP B 8 -0.49 3.91 4.27
CA ASP B 8 0.30 5.08 3.89
C ASP B 8 -0.31 6.37 4.43
N MET B 9 -1.62 6.53 4.22
CA MET B 9 -2.32 7.73 4.66
C MET B 9 -2.26 7.92 6.18
N LEU B 10 -2.44 6.84 6.93
CA LEU B 10 -2.38 6.90 8.38
C LEU B 10 -1.01 7.38 8.84
N GLN B 11 0.02 6.90 8.14
CA GLN B 11 1.40 7.27 8.45
C GLN B 11 1.65 8.74 8.13
N ILE B 12 1.02 9.24 7.08
CA ILE B 12 1.15 10.63 6.68
C ILE B 12 0.52 11.52 7.76
N HIS B 13 -0.66 11.13 8.23
CA HIS B 13 -1.37 11.87 9.27
C HIS B 13 -0.61 11.83 10.58
N ALA B 14 -0.11 10.65 10.94
CA ALA B 14 0.64 10.45 12.17
C ALA B 14 1.89 11.33 12.23
N ARG B 15 2.56 11.50 11.10
CA ARG B 15 3.76 12.33 11.04
C ARG B 15 3.43 13.81 11.20
N LYS B 16 2.24 14.20 10.76
CA LYS B 16 1.79 15.59 10.87
C LYS B 16 1.55 15.92 12.34
N LEU B 17 1.01 14.96 13.08
CA LEU B 17 0.75 15.13 14.50
C LEU B 17 2.07 15.13 15.27
N ALA B 18 3.00 14.29 14.82
CA ALA B 18 4.32 14.20 15.44
C ALA B 18 5.09 15.51 15.36
N SER B 19 4.92 16.22 14.25
CA SER B 19 5.59 17.50 14.03
C SER B 19 5.07 18.58 14.98
N ARG B 20 3.81 18.48 15.37
CA ARG B 20 3.21 19.44 16.29
C ARG B 20 3.62 19.17 17.74
N LEU B 21 4.06 17.95 18.00
CA LEU B 21 4.48 17.55 19.33
C LEU B 21 5.93 17.90 19.68
N MET B 22 6.65 18.50 18.73
CA MET B 22 8.03 18.91 18.95
C MET B 22 8.08 20.11 19.89
N PRO B 23 9.12 20.19 20.75
CA PRO B 23 10.24 19.23 20.88
C PRO B 23 9.77 17.94 21.57
N SER B 24 10.46 16.83 21.28
CA SER B 24 10.15 15.53 21.88
C SER B 24 10.66 15.44 23.32
N GLU B 25 11.62 16.29 23.65
CA GLU B 25 12.22 16.33 24.98
C GLU B 25 11.22 16.68 26.09
N GLN B 26 10.11 17.30 25.71
CA GLN B 26 9.08 17.69 26.68
C GLN B 26 8.16 16.53 27.09
N TRP B 27 8.41 15.35 26.53
CA TRP B 27 7.59 14.18 26.85
C TRP B 27 8.37 13.09 27.57
N LYS B 28 7.72 12.47 28.55
CA LYS B 28 8.32 11.40 29.33
C LYS B 28 8.01 10.04 28.71
N GLY B 29 6.88 9.95 28.00
CA GLY B 29 6.48 8.71 27.37
C GLY B 29 5.12 8.80 26.71
N ILE B 30 4.74 7.73 26.02
CA ILE B 30 3.46 7.67 25.32
C ILE B 30 2.57 6.57 25.88
N ILE B 31 1.30 6.89 26.12
CA ILE B 31 0.34 5.91 26.61
C ILE B 31 -0.66 5.67 25.49
N ALA B 32 -0.61 4.49 24.92
CA ALA B 32 -1.51 4.13 23.82
C ALA B 32 -2.75 3.41 24.32
N VAL B 33 -3.91 3.79 23.77
CA VAL B 33 -5.18 3.17 24.14
C VAL B 33 -5.43 1.94 23.27
N SER B 34 -5.54 0.78 23.91
CA SER B 34 -5.80 -0.47 23.18
C SER B 34 -7.23 -0.52 22.69
N ARG B 35 -7.42 -0.93 21.44
CA ARG B 35 -6.31 -1.32 20.57
C ARG B 35 -6.05 -0.29 19.47
N GLY B 36 -7.00 0.63 19.30
CA GLY B 36 -6.87 1.65 18.27
C GLY B 36 -5.69 2.60 18.35
N GLY B 37 -5.26 2.93 19.56
CA GLY B 37 -4.14 3.84 19.72
C GLY B 37 -2.77 3.21 19.61
N LEU B 38 -2.73 1.89 19.54
CA LEU B 38 -1.47 1.15 19.45
C LEU B 38 -0.61 1.47 18.23
N VAL B 39 -1.20 1.44 17.04
CA VAL B 39 -0.45 1.74 15.83
C VAL B 39 -0.04 3.22 15.78
N PRO B 40 -1.01 4.13 16.02
CA PRO B 40 -0.64 5.55 15.98
C PRO B 40 0.42 5.89 17.04
N GLY B 41 0.24 5.32 18.23
CA GLY B 41 1.17 5.55 19.32
C GLY B 41 2.55 5.00 19.02
N ALA B 42 2.60 3.95 18.20
CA ALA B 42 3.87 3.32 17.82
C ALA B 42 4.57 4.18 16.76
N LEU B 43 3.78 4.86 15.94
CA LEU B 43 4.32 5.71 14.89
C LEU B 43 4.91 6.99 15.47
N LEU B 44 4.26 7.55 16.50
CA LEU B 44 4.75 8.75 17.15
C LEU B 44 6.05 8.45 17.89
N ALA B 45 6.09 7.27 18.52
CA ALA B 45 7.27 6.82 19.27
C ALA B 45 8.49 6.73 18.36
N ARG B 46 8.24 6.47 17.08
CA ARG B 46 9.29 6.35 16.09
C ARG B 46 9.80 7.73 15.68
N GLU B 47 8.87 8.61 15.32
CA GLU B 47 9.20 9.97 14.90
C GLU B 47 9.80 10.83 16.00
N LEU B 48 9.25 10.69 17.21
CA LEU B 48 9.73 11.45 18.36
C LEU B 48 10.88 10.76 19.09
N GLY B 49 11.22 9.55 18.64
CA GLY B 49 12.31 8.81 19.26
C GLY B 49 12.08 8.49 20.73
N ILE B 50 10.84 8.16 21.07
CA ILE B 50 10.48 7.83 22.45
C ILE B 50 10.38 6.32 22.63
N ARG B 51 11.18 5.77 23.54
CA ARG B 51 11.18 4.34 23.79
C ARG B 51 10.18 3.92 24.88
N HIS B 52 9.81 4.86 25.75
CA HIS B 52 8.87 4.59 26.83
C HIS B 52 7.43 4.65 26.32
N VAL B 53 6.86 3.49 26.03
CA VAL B 53 5.49 3.38 25.53
C VAL B 53 4.70 2.39 26.38
N ASP B 54 3.67 2.89 27.06
CA ASP B 54 2.82 2.06 27.91
C ASP B 54 1.42 2.02 27.29
N THR B 55 0.49 1.35 27.98
CA THR B 55 -0.87 1.24 27.48
C THR B 55 -1.93 1.23 28.56
N VAL B 56 -3.18 1.28 28.10
CA VAL B 56 -4.36 1.25 28.96
C VAL B 56 -5.48 0.58 28.15
N ALA B 57 -5.84 -0.63 28.56
CA ALA B 57 -6.88 -1.38 27.89
C ALA B 57 -8.22 -1.28 28.60
N ILE B 58 -9.19 -0.68 27.93
CA ILE B 58 -10.53 -0.52 28.48
C ILE B 58 -11.52 -1.23 27.56
N SER B 59 -12.13 -2.31 28.05
CA SER B 59 -13.09 -3.07 27.27
C SER B 59 -14.50 -2.50 27.40
N SER B 60 -15.06 -2.08 26.27
CA SER B 60 -16.41 -1.51 26.23
C SER B 60 -17.42 -2.62 25.97
N TYR B 61 -18.66 -2.37 26.38
CA TYR B 61 -19.76 -3.32 26.21
C TYR B 61 -21.07 -2.54 26.17
N ASP B 62 -21.89 -2.81 25.16
CA ASP B 62 -23.17 -2.11 25.01
C ASP B 62 -24.40 -2.94 25.36
N HIS B 63 -25.31 -2.32 26.12
CA HIS B 63 -26.55 -2.95 26.54
C HIS B 63 -27.71 -2.03 26.20
N ASP B 64 -28.11 -2.04 24.93
CA ASP B 64 -29.20 -1.20 24.42
C ASP B 64 -28.88 0.30 24.42
N ASN B 65 -29.09 0.97 25.55
CA ASN B 65 -28.81 2.40 25.63
C ASN B 65 -27.71 2.79 26.63
N GLN B 66 -27.12 1.78 27.27
CA GLN B 66 -26.07 2.03 28.27
C GLN B 66 -24.77 1.24 28.03
N ARG B 67 -23.64 1.90 28.24
CA ARG B 67 -22.32 1.30 28.05
C ARG B 67 -21.68 0.80 29.34
N GLU B 68 -21.06 -0.37 29.28
CA GLU B 68 -20.38 -0.94 30.43
C GLU B 68 -18.87 -0.91 30.17
N LEU B 69 -18.14 -0.14 30.99
CA LEU B 69 -16.69 -0.02 30.82
C LEU B 69 -15.92 -0.87 31.82
N LYS B 70 -14.79 -1.41 31.37
CA LYS B 70 -13.95 -2.26 32.23
C LYS B 70 -12.47 -2.08 31.91
N VAL B 71 -11.72 -1.59 32.90
CA VAL B 71 -10.29 -1.38 32.75
C VAL B 71 -9.59 -2.71 32.95
N LEU B 72 -9.13 -3.30 31.85
CA LEU B 72 -8.42 -4.58 31.89
C LEU B 72 -7.00 -4.40 32.40
N LYS B 73 -6.43 -3.22 32.13
CA LYS B 73 -5.07 -2.89 32.54
C LYS B 73 -4.88 -1.38 32.43
N ARG B 74 -4.10 -0.79 33.34
CA ARG B 74 -3.88 0.65 33.30
C ARG B 74 -2.48 1.11 33.71
N ALA B 75 -2.00 2.13 33.01
CA ALA B 75 -0.70 2.73 33.28
C ALA B 75 -0.78 3.53 34.57
N GLU B 76 0.38 3.91 35.11
CA GLU B 76 0.44 4.67 36.36
C GLU B 76 0.54 6.17 36.14
N GLY B 77 0.29 6.92 37.21
CA GLY B 77 0.37 8.37 37.15
C GLY B 77 -0.89 9.08 36.68
N ASP B 78 -0.82 10.40 36.68
CA ASP B 78 -1.92 11.27 36.25
C ASP B 78 -1.74 11.68 34.79
N GLY B 79 -0.75 11.08 34.13
CA GLY B 79 -0.47 11.37 32.74
C GLY B 79 0.37 12.62 32.54
N GLU B 80 0.99 13.10 33.61
CA GLU B 80 1.83 14.29 33.54
C GLU B 80 3.05 14.05 32.68
N GLY B 81 3.21 14.88 31.64
CA GLY B 81 4.34 14.74 30.73
C GLY B 81 4.19 13.55 29.80
N PHE B 82 2.97 13.05 29.66
CA PHE B 82 2.68 11.92 28.80
C PHE B 82 1.69 12.27 27.69
N ILE B 83 1.78 11.52 26.58
CA ILE B 83 0.88 11.72 25.46
C ILE B 83 -0.05 10.53 25.36
N VAL B 84 -1.32 10.72 25.72
CA VAL B 84 -2.26 9.61 25.62
C VAL B 84 -2.87 9.68 24.21
N ILE B 85 -2.81 8.58 23.46
CA ILE B 85 -3.33 8.60 22.11
C ILE B 85 -4.25 7.46 21.75
N ASP B 86 -5.24 7.79 20.93
CA ASP B 86 -6.21 6.83 20.43
C ASP B 86 -6.36 7.12 18.92
N ASP B 87 -6.87 6.16 18.15
CA ASP B 87 -6.99 6.37 16.71
C ASP B 87 -8.03 7.42 16.34
N LEU B 88 -9.16 7.40 17.03
CA LEU B 88 -10.24 8.34 16.74
C LEU B 88 -11.18 8.55 17.93
N VAL B 89 -12.05 9.55 17.79
CA VAL B 89 -13.04 9.88 18.81
C VAL B 89 -14.40 9.98 18.13
N ASP B 90 -15.28 9.04 18.49
CA ASP B 90 -16.62 8.95 17.92
C ASP B 90 -17.65 9.78 18.68
N THR B 91 -17.87 9.45 19.95
CA THR B 91 -18.83 10.18 20.79
C THR B 91 -18.13 10.84 21.97
N GLY B 92 -16.84 10.53 22.15
CA GLY B 92 -16.08 11.10 23.23
C GLY B 92 -16.25 10.37 24.55
N GLY B 93 -17.19 9.42 24.59
CA GLY B 93 -17.43 8.66 25.81
C GLY B 93 -16.18 7.96 26.31
N THR B 94 -15.44 7.37 25.39
CA THR B 94 -14.20 6.67 25.72
C THR B 94 -13.14 7.68 26.18
N ALA B 95 -13.15 8.85 25.55
CA ALA B 95 -12.20 9.91 25.86
C ALA B 95 -12.45 10.56 27.22
N VAL B 96 -13.72 10.68 27.61
CA VAL B 96 -14.09 11.28 28.88
C VAL B 96 -13.56 10.44 30.04
N ALA B 97 -13.60 9.12 29.87
CA ALA B 97 -13.12 8.20 30.88
C ALA B 97 -11.60 8.29 31.03
N ILE B 98 -10.90 8.44 29.91
CA ILE B 98 -9.45 8.55 29.89
C ILE B 98 -9.00 9.91 30.45
N ARG B 99 -9.80 10.93 30.20
CA ARG B 99 -9.50 12.28 30.68
C ARG B 99 -9.60 12.31 32.20
N GLU B 100 -10.40 11.40 32.75
CA GLU B 100 -10.60 11.30 34.19
C GLU B 100 -9.46 10.51 34.83
N MET B 101 -8.92 9.54 34.07
CA MET B 101 -7.81 8.72 34.54
C MET B 101 -6.50 9.50 34.47
N TYR B 102 -6.32 10.20 33.36
CA TYR B 102 -5.11 10.99 33.13
C TYR B 102 -5.47 12.45 32.89
N PRO B 103 -5.74 13.21 33.97
CA PRO B 103 -6.11 14.62 33.89
C PRO B 103 -4.99 15.52 33.35
N LYS B 104 -3.75 15.24 33.73
CA LYS B 104 -2.61 16.03 33.29
C LYS B 104 -1.96 15.50 32.03
N ALA B 105 -2.68 14.67 31.29
CA ALA B 105 -2.16 14.09 30.06
C ALA B 105 -2.62 14.80 28.79
N HIS B 106 -1.70 14.91 27.84
CA HIS B 106 -1.98 15.54 26.55
C HIS B 106 -2.68 14.48 25.69
N PHE B 107 -3.99 14.62 25.55
CA PHE B 107 -4.78 13.66 24.78
C PHE B 107 -4.91 14.04 23.31
N VAL B 108 -4.50 13.12 22.44
CA VAL B 108 -4.56 13.35 21.01
C VAL B 108 -5.07 12.12 20.26
N THR B 109 -5.57 12.35 19.05
CA THR B 109 -6.08 11.30 18.16
C THR B 109 -5.78 11.72 16.72
N ILE B 110 -5.84 10.76 15.80
CA ILE B 110 -5.59 11.05 14.40
C ILE B 110 -6.85 11.68 13.79
N PHE B 111 -7.97 10.98 13.94
CA PHE B 111 -9.25 11.44 13.41
C PHE B 111 -10.15 11.93 14.56
N ALA B 112 -11.14 12.74 14.21
CA ALA B 112 -12.07 13.26 15.21
C ALA B 112 -13.41 13.64 14.60
N LYS B 113 -14.48 13.18 15.22
CA LYS B 113 -15.84 13.49 14.77
C LYS B 113 -16.37 14.65 15.62
N PRO B 114 -17.37 15.39 15.11
CA PRO B 114 -17.97 16.53 15.81
C PRO B 114 -18.28 16.31 17.30
N ALA B 115 -18.96 15.21 17.60
CA ALA B 115 -19.35 14.89 18.97
C ALA B 115 -18.22 14.79 19.99
N GLY B 116 -17.02 14.47 19.53
CA GLY B 116 -15.90 14.34 20.45
C GLY B 116 -14.73 15.28 20.21
N ARG B 117 -14.88 16.18 19.24
CA ARG B 117 -13.84 17.15 18.90
C ARG B 117 -13.38 18.02 20.07
N PRO B 118 -14.32 18.43 20.96
CA PRO B 118 -13.91 19.26 22.10
C PRO B 118 -13.18 18.50 23.20
N LEU B 119 -13.31 17.17 23.18
CA LEU B 119 -12.67 16.32 24.19
C LEU B 119 -11.19 16.02 23.95
N VAL B 120 -10.69 16.32 22.77
CA VAL B 120 -9.28 16.07 22.47
C VAL B 120 -8.44 17.34 22.42
N ASP B 121 -7.25 17.28 23.01
CA ASP B 121 -6.34 18.42 23.05
C ASP B 121 -5.83 18.77 21.66
N ASP B 122 -5.74 17.76 20.80
CA ASP B 122 -5.25 17.95 19.44
C ASP B 122 -5.56 16.73 18.58
N TYR B 123 -5.82 16.97 17.30
CA TYR B 123 -6.12 15.90 16.35
C TYR B 123 -5.66 16.33 14.95
N VAL B 124 -5.84 15.46 13.96
CA VAL B 124 -5.40 15.79 12.61
C VAL B 124 -6.50 15.95 11.56
N VAL B 125 -7.27 14.89 11.34
CA VAL B 125 -8.32 14.93 10.33
C VAL B 125 -9.75 15.00 10.87
N ASP B 126 -10.57 15.83 10.23
CA ASP B 126 -11.97 16.01 10.60
C ASP B 126 -12.84 15.03 9.84
N ILE B 127 -13.63 14.25 10.58
CA ILE B 127 -14.53 13.28 9.96
C ILE B 127 -15.97 13.51 10.41
N PRO B 128 -16.92 13.44 9.46
CA PRO B 128 -18.34 13.66 9.77
C PRO B 128 -18.87 12.57 10.70
N GLN B 129 -19.86 12.92 11.50
CA GLN B 129 -20.46 11.99 12.46
C GLN B 129 -21.06 10.75 11.80
N ASP B 130 -21.61 10.94 10.59
CA ASP B 130 -22.25 9.85 9.85
C ASP B 130 -21.30 9.05 8.94
N THR B 131 -20.00 9.23 9.11
CA THR B 131 -19.02 8.54 8.27
C THR B 131 -18.25 7.45 9.01
N TRP B 132 -18.25 6.26 8.43
CA TRP B 132 -17.53 5.12 9.02
C TRP B 132 -16.08 5.12 8.55
N ILE B 133 -15.16 5.29 9.49
CA ILE B 133 -13.74 5.30 9.19
C ILE B 133 -13.18 3.88 9.21
N GLU B 134 -12.92 3.33 8.03
CA GLU B 134 -12.38 1.99 7.95
C GLU B 134 -10.87 2.08 8.12
N GLN B 135 -10.36 1.48 9.20
CA GLN B 135 -8.93 1.49 9.50
C GLN B 135 -8.15 0.43 8.75
N PRO B 136 -6.83 0.62 8.62
CA PRO B 136 -5.92 -0.29 7.91
C PRO B 136 -5.85 -1.68 8.48
N TRP B 137 -5.74 -1.76 9.80
CA TRP B 137 -5.63 -3.05 10.46
C TRP B 137 -6.83 -3.94 10.26
N ASP B 138 -7.97 -3.34 9.94
CA ASP B 138 -9.20 -4.10 9.70
C ASP B 138 -9.35 -4.50 8.23
N MET B 139 -8.39 -4.08 7.41
CA MET B 139 -8.43 -4.38 5.97
C MET B 139 -7.24 -5.20 5.49
N GLY B 140 -7.27 -5.53 4.20
CA GLY B 140 -6.21 -6.30 3.58
C GLY B 140 -6.31 -6.21 2.08
N VAL B 141 -5.24 -6.64 1.40
CA VAL B 141 -5.21 -6.62 -0.06
C VAL B 141 -5.58 -8.01 -0.57
N VAL B 142 -6.79 -8.14 -1.11
CA VAL B 142 -7.27 -9.43 -1.63
C VAL B 142 -7.93 -9.27 -2.99
N PHE B 143 -8.26 -10.40 -3.62
CA PHE B 143 -8.90 -10.39 -4.93
C PHE B 143 -10.25 -9.71 -4.92
N VAL B 144 -10.45 -8.81 -5.89
CA VAL B 144 -11.70 -8.07 -6.03
C VAL B 144 -12.23 -8.33 -7.44
N PRO B 145 -13.42 -8.94 -7.54
CA PRO B 145 -14.02 -9.23 -8.85
C PRO B 145 -14.22 -7.97 -9.69
N PRO B 146 -14.08 -8.10 -11.02
CA PRO B 146 -14.26 -6.96 -11.93
C PRO B 146 -15.68 -6.41 -11.87
N ILE B 147 -15.87 -5.23 -12.43
CA ILE B 147 -17.17 -4.59 -12.44
C ILE B 147 -18.05 -5.21 -13.55
N SER B 148 -17.41 -5.75 -14.58
CA SER B 148 -18.12 -6.37 -15.70
C SER B 148 -17.70 -7.83 -15.90
N GLU C 1 -1.47 -22.25 -3.55
CA GLU C 1 -0.26 -21.44 -3.45
C GLU C 1 -0.36 -20.18 -4.31
N LYS C 2 -0.50 -19.02 -3.66
CA LYS C 2 -0.62 -17.75 -4.37
C LYS C 2 0.47 -16.73 -4.00
N TYR C 3 0.99 -16.06 -5.03
CA TYR C 3 2.04 -15.06 -4.88
C TYR C 3 1.42 -13.67 -4.98
N ILE C 4 1.26 -13.01 -3.84
CA ILE C 4 0.67 -11.67 -3.80
C ILE C 4 1.67 -10.59 -4.23
N VAL C 5 1.25 -9.76 -5.17
CA VAL C 5 2.07 -8.67 -5.65
C VAL C 5 1.32 -7.35 -5.47
N THR C 6 1.86 -6.47 -4.64
CA THR C 6 1.25 -5.18 -4.39
C THR C 6 1.83 -4.17 -5.38
N TRP C 7 1.25 -2.98 -5.40
CA TRP C 7 1.69 -1.91 -6.29
C TRP C 7 3.12 -1.48 -5.93
N ASP C 8 3.39 -1.36 -4.63
CA ASP C 8 4.70 -0.96 -4.15
C ASP C 8 5.81 -1.89 -4.62
N MET C 9 5.57 -3.20 -4.49
CA MET C 9 6.56 -4.20 -4.90
C MET C 9 6.72 -4.29 -6.41
N LEU C 10 5.62 -4.11 -7.14
CA LEU C 10 5.67 -4.16 -8.61
C LEU C 10 6.57 -3.05 -9.12
N GLN C 11 6.38 -1.85 -8.56
CA GLN C 11 7.14 -0.67 -8.93
C GLN C 11 8.64 -0.86 -8.64
N ILE C 12 8.94 -1.58 -7.56
CA ILE C 12 10.32 -1.86 -7.18
C ILE C 12 10.97 -2.73 -8.26
N HIS C 13 10.24 -3.75 -8.71
CA HIS C 13 10.73 -4.66 -9.74
C HIS C 13 10.87 -3.92 -11.08
N ALA C 14 9.90 -3.08 -11.38
CA ALA C 14 9.90 -2.29 -12.61
C ALA C 14 11.09 -1.34 -12.67
N ARG C 15 11.47 -0.78 -11.52
CA ARG C 15 12.60 0.14 -11.44
C ARG C 15 13.93 -0.61 -11.54
N LYS C 16 13.93 -1.87 -11.14
CA LYS C 16 15.13 -2.70 -11.21
C LYS C 16 15.35 -3.13 -12.65
N LEU C 17 14.26 -3.30 -13.39
CA LEU C 17 14.31 -3.70 -14.79
C LEU C 17 14.64 -2.50 -15.68
N ALA C 18 14.24 -1.31 -15.22
CA ALA C 18 14.48 -0.08 -15.95
C ALA C 18 15.96 0.31 -15.90
N SER C 19 16.61 -0.02 -14.78
CA SER C 19 18.03 0.29 -14.60
C SER C 19 18.92 -0.52 -15.55
N ARG C 20 18.45 -1.70 -15.95
CA ARG C 20 19.20 -2.55 -16.87
C ARG C 20 19.02 -2.03 -18.30
N LEU C 21 17.83 -1.49 -18.58
CA LEU C 21 17.49 -0.96 -19.90
C LEU C 21 18.13 0.39 -20.22
N MET C 22 19.13 0.79 -19.44
CA MET C 22 19.84 2.05 -19.68
C MET C 22 21.05 1.82 -20.59
N PRO C 23 21.38 2.82 -21.45
CA PRO C 23 20.71 4.13 -21.59
C PRO C 23 19.32 4.01 -22.22
N SER C 24 18.58 5.13 -22.23
CA SER C 24 17.23 5.19 -22.80
C SER C 24 17.20 5.68 -24.25
N GLU C 25 18.31 6.25 -24.69
CA GLU C 25 18.43 6.76 -26.06
C GLU C 25 18.50 5.63 -27.08
N GLN C 26 18.83 4.42 -26.62
CA GLN C 26 18.93 3.26 -27.51
C GLN C 26 17.55 2.67 -27.86
N TRP C 27 16.51 3.19 -27.23
CA TRP C 27 15.16 2.72 -27.49
C TRP C 27 14.36 3.81 -28.19
N LYS C 28 13.59 3.42 -29.20
CA LYS C 28 12.77 4.35 -29.96
C LYS C 28 11.41 4.51 -29.28
N GLY C 29 10.99 3.47 -28.56
CA GLY C 29 9.72 3.49 -27.86
C GLY C 29 9.48 2.22 -27.09
N ILE C 30 8.25 2.04 -26.64
CA ILE C 30 7.85 0.85 -25.88
C ILE C 30 6.53 0.32 -26.40
N ILE C 31 6.45 -0.99 -26.54
CA ILE C 31 5.22 -1.65 -27.00
C ILE C 31 4.73 -2.49 -25.84
N ALA C 32 3.59 -2.11 -25.27
CA ALA C 32 3.02 -2.84 -24.14
C ALA C 32 1.97 -3.85 -24.58
N VAL C 33 2.05 -5.05 -24.02
CA VAL C 33 1.10 -6.11 -24.34
C VAL C 33 -0.14 -5.94 -23.48
N SER C 34 -1.23 -5.48 -24.11
CA SER C 34 -2.51 -5.27 -23.41
C SER C 34 -3.08 -6.62 -22.98
N ARG C 35 -3.56 -6.72 -21.74
CA ARG C 35 -3.60 -5.61 -20.80
C ARG C 35 -2.50 -5.70 -19.73
N GLY C 36 -1.99 -6.91 -19.51
CA GLY C 36 -0.96 -7.13 -18.51
C GLY C 36 0.32 -6.31 -18.57
N GLY C 37 0.77 -5.96 -19.76
CA GLY C 37 1.99 -5.18 -19.88
C GLY C 37 1.82 -3.68 -19.92
N LEU C 38 0.61 -3.21 -19.66
CA LEU C 38 0.32 -1.77 -19.67
C LEU C 38 0.93 -1.01 -18.50
N VAL C 39 0.69 -1.49 -17.27
CA VAL C 39 1.24 -0.84 -16.08
C VAL C 39 2.77 -0.93 -16.05
N PRO C 40 3.33 -2.13 -16.27
CA PRO C 40 4.79 -2.23 -16.25
C PRO C 40 5.40 -1.36 -17.34
N GLY C 41 4.76 -1.34 -18.50
CA GLY C 41 5.22 -0.53 -19.61
C GLY C 41 5.15 0.94 -19.28
N ALA C 42 4.09 1.34 -18.58
CA ALA C 42 3.90 2.73 -18.17
C ALA C 42 4.97 3.13 -17.15
N LEU C 43 5.39 2.18 -16.33
CA LEU C 43 6.40 2.44 -15.33
C LEU C 43 7.78 2.61 -15.96
N LEU C 44 8.11 1.76 -16.93
CA LEU C 44 9.39 1.84 -17.62
C LEU C 44 9.48 3.16 -18.39
N ALA C 45 8.39 3.50 -19.08
CA ALA C 45 8.30 4.72 -19.88
C ALA C 45 8.62 5.96 -19.03
N ARG C 46 8.16 5.93 -17.78
CA ARG C 46 8.39 7.03 -16.84
C ARG C 46 9.86 7.10 -16.44
N GLU C 47 10.41 5.98 -16.00
CA GLU C 47 11.80 5.91 -15.57
C GLU C 47 12.80 6.17 -16.70
N LEU C 48 12.47 5.71 -17.91
CA LEU C 48 13.34 5.90 -19.06
C LEU C 48 13.09 7.23 -19.77
N GLY C 49 11.95 7.85 -19.48
CA GLY C 49 11.63 9.13 -20.10
C GLY C 49 11.12 8.98 -21.52
N ILE C 50 10.59 7.81 -21.84
CA ILE C 50 10.06 7.52 -23.18
C ILE C 50 8.57 7.83 -23.25
N ARG C 51 8.20 8.73 -24.13
CA ARG C 51 6.80 9.11 -24.30
C ARG C 51 6.12 8.25 -25.39
N HIS C 52 6.93 7.65 -26.26
CA HIS C 52 6.40 6.82 -27.33
C HIS C 52 6.03 5.41 -26.83
N VAL C 53 4.76 5.24 -26.49
CA VAL C 53 4.25 3.95 -26.00
C VAL C 53 3.07 3.52 -26.86
N ASP C 54 3.06 2.26 -27.28
CA ASP C 54 1.98 1.75 -28.10
C ASP C 54 1.43 0.45 -27.52
N THR C 55 0.60 -0.26 -28.28
CA THR C 55 0.02 -1.50 -27.78
C THR C 55 -0.16 -2.56 -28.82
N VAL C 56 -0.32 -3.78 -28.33
CA VAL C 56 -0.57 -4.96 -29.14
C VAL C 56 -1.59 -5.79 -28.36
N ALA C 57 -2.84 -5.73 -28.79
CA ALA C 57 -3.91 -6.45 -28.11
C ALA C 57 -4.05 -7.87 -28.63
N ILE C 58 -3.93 -8.83 -27.72
CA ILE C 58 -4.04 -10.24 -28.09
C ILE C 58 -5.12 -10.94 -27.28
N SER C 59 -6.16 -11.39 -27.96
CA SER C 59 -7.26 -12.12 -27.32
C SER C 59 -6.93 -13.61 -27.37
N SER C 60 -7.05 -14.28 -26.23
CA SER C 60 -6.75 -15.71 -26.16
C SER C 60 -7.83 -16.51 -25.44
N TYR C 61 -8.69 -17.16 -26.22
CA TYR C 61 -9.76 -17.99 -25.67
C TYR C 61 -9.32 -19.45 -25.69
N ASP C 62 -9.22 -20.06 -24.52
CA ASP C 62 -8.78 -21.45 -24.42
C ASP C 62 -9.92 -22.46 -24.53
N HIS C 63 -9.78 -23.38 -25.50
CA HIS C 63 -10.76 -24.43 -25.75
C HIS C 63 -10.16 -25.79 -25.44
N ASP C 64 -10.47 -26.32 -24.25
CA ASP C 64 -9.97 -27.62 -23.80
C ASP C 64 -8.44 -27.72 -23.83
N ASN C 65 -7.88 -28.18 -24.94
CA ASN C 65 -6.43 -28.32 -25.05
C ASN C 65 -5.77 -27.49 -26.15
N GLN C 66 -6.53 -26.59 -26.77
CA GLN C 66 -5.99 -25.74 -27.82
C GLN C 66 -6.43 -24.29 -27.67
N ARG C 67 -5.49 -23.37 -27.90
CA ARG C 67 -5.76 -21.95 -27.80
C ARG C 67 -6.18 -21.31 -29.11
N GLU C 68 -7.09 -20.36 -29.03
CA GLU C 68 -7.56 -19.61 -30.18
C GLU C 68 -7.02 -18.18 -30.07
N LEU C 69 -5.82 -17.97 -30.60
CA LEU C 69 -5.19 -16.66 -30.55
C LEU C 69 -5.84 -15.69 -31.54
N LYS C 70 -5.91 -14.43 -31.16
CA LYS C 70 -6.52 -13.41 -32.01
C LYS C 70 -5.94 -12.02 -31.75
N VAL C 71 -5.15 -11.53 -32.69
CA VAL C 71 -4.54 -10.20 -32.57
C VAL C 71 -5.57 -9.15 -32.95
N LEU C 72 -6.13 -8.48 -31.94
CA LEU C 72 -7.14 -7.44 -32.13
C LEU C 72 -6.52 -6.17 -32.68
N LYS C 73 -5.53 -5.66 -31.95
CA LYS C 73 -4.82 -4.44 -32.32
C LYS C 73 -3.33 -4.80 -32.43
N ARG C 74 -2.66 -4.24 -33.43
CA ARG C 74 -1.25 -4.53 -33.63
C ARG C 74 -0.38 -3.31 -33.89
N ALA C 75 0.71 -3.21 -33.13
CA ALA C 75 1.67 -2.12 -33.32
C ALA C 75 2.45 -2.46 -34.60
N GLU C 76 3.00 -1.46 -35.28
CA GLU C 76 3.71 -1.74 -36.52
C GLU C 76 5.22 -1.78 -36.41
N GLY C 77 5.87 -2.41 -37.38
CA GLY C 77 7.31 -2.53 -37.40
C GLY C 77 7.80 -3.93 -37.06
N ASP C 78 9.13 -4.08 -37.00
CA ASP C 78 9.77 -5.36 -36.65
C ASP C 78 10.14 -5.39 -35.17
N GLY C 79 9.84 -4.30 -34.48
CA GLY C 79 10.16 -4.20 -33.06
C GLY C 79 11.60 -3.75 -32.87
N GLU C 80 12.24 -3.39 -33.98
CA GLU C 80 13.62 -2.93 -33.97
C GLU C 80 13.76 -1.62 -33.19
N GLY C 81 14.54 -1.66 -32.12
CA GLY C 81 14.74 -0.48 -31.29
C GLY C 81 13.62 -0.24 -30.30
N PHE C 82 12.73 -1.22 -30.16
CA PHE C 82 11.61 -1.13 -29.24
C PHE C 82 11.72 -2.12 -28.10
N ILE C 83 10.91 -1.89 -27.07
CA ILE C 83 10.88 -2.76 -25.89
C ILE C 83 9.48 -3.34 -25.73
N VAL C 84 9.32 -4.62 -26.06
CA VAL C 84 8.01 -5.23 -25.90
C VAL C 84 7.92 -5.78 -24.47
N ILE C 85 6.94 -5.35 -23.71
CA ILE C 85 6.83 -5.80 -22.33
C ILE C 85 5.47 -6.30 -21.92
N ASP C 86 5.48 -7.43 -21.21
CA ASP C 86 4.29 -8.06 -20.67
C ASP C 86 4.52 -8.19 -19.16
N ASP C 87 3.49 -8.55 -18.39
CA ASP C 87 3.66 -8.67 -16.95
C ASP C 87 4.40 -9.94 -16.52
N LEU C 88 4.03 -11.05 -17.13
CA LEU C 88 4.65 -12.34 -16.80
C LEU C 88 4.52 -13.34 -17.95
N VAL C 89 5.32 -14.39 -17.88
CA VAL C 89 5.30 -15.44 -18.89
C VAL C 89 5.14 -16.80 -18.20
N ASP C 90 3.99 -17.44 -18.42
CA ASP C 90 3.68 -18.73 -17.80
C ASP C 90 4.20 -19.90 -18.62
N THR C 91 3.55 -20.17 -19.76
CA THR C 91 3.97 -21.27 -20.63
C THR C 91 4.72 -20.77 -21.85
N GLY C 92 4.51 -19.50 -22.20
CA GLY C 92 5.17 -18.92 -23.35
C GLY C 92 4.30 -18.89 -24.59
N GLY C 93 3.04 -19.27 -24.44
CA GLY C 93 2.12 -19.27 -25.58
C GLY C 93 1.98 -17.89 -26.19
N THR C 94 1.77 -16.90 -25.33
CA THR C 94 1.61 -15.52 -25.76
C THR C 94 2.98 -14.95 -26.16
N ALA C 95 4.02 -15.42 -25.47
CA ALA C 95 5.39 -14.97 -25.74
C ALA C 95 5.89 -15.34 -27.13
N VAL C 96 5.68 -16.59 -27.53
CA VAL C 96 6.10 -17.06 -28.85
C VAL C 96 5.43 -16.27 -29.97
N ALA C 97 4.13 -16.01 -29.80
CA ALA C 97 3.36 -15.26 -30.79
C ALA C 97 3.92 -13.84 -30.94
N ILE C 98 4.19 -13.19 -29.81
CA ILE C 98 4.73 -11.84 -29.80
C ILE C 98 6.11 -11.79 -30.43
N ARG C 99 6.95 -12.76 -30.07
CA ARG C 99 8.31 -12.85 -30.59
C ARG C 99 8.28 -12.97 -32.11
N GLU C 100 7.26 -13.65 -32.63
CA GLU C 100 7.11 -13.85 -34.06
C GLU C 100 6.76 -12.55 -34.78
N MET C 101 5.91 -11.74 -34.15
CA MET C 101 5.46 -10.47 -34.71
C MET C 101 6.55 -9.40 -34.64
N TYR C 102 7.32 -9.41 -33.55
CA TYR C 102 8.39 -8.44 -33.34
C TYR C 102 9.68 -9.19 -33.01
N PRO C 103 10.28 -9.85 -34.01
CA PRO C 103 11.53 -10.61 -33.83
C PRO C 103 12.76 -9.78 -33.46
N LYS C 104 12.76 -8.51 -33.84
CA LYS C 104 13.88 -7.62 -33.56
C LYS C 104 13.68 -6.81 -32.28
N ALA C 105 12.66 -7.18 -31.51
CA ALA C 105 12.34 -6.49 -30.26
C ALA C 105 12.97 -7.14 -29.03
N HIS C 106 13.25 -6.31 -28.03
CA HIS C 106 13.82 -6.77 -26.77
C HIS C 106 12.65 -7.11 -25.84
N PHE C 107 12.24 -8.38 -25.85
CA PHE C 107 11.13 -8.85 -25.04
C PHE C 107 11.49 -9.04 -23.57
N VAL C 108 10.78 -8.31 -22.70
CA VAL C 108 11.00 -8.37 -21.26
C VAL C 108 9.71 -8.48 -20.48
N THR C 109 9.80 -9.07 -19.29
CA THR C 109 8.66 -9.23 -18.41
C THR C 109 9.14 -9.00 -16.98
N ILE C 110 8.22 -8.77 -16.05
CA ILE C 110 8.59 -8.56 -14.66
C ILE C 110 8.83 -9.92 -14.02
N PHE C 111 7.85 -10.81 -14.17
CA PHE C 111 7.91 -12.15 -13.60
C PHE C 111 8.13 -13.19 -14.71
N ALA C 112 8.64 -14.35 -14.34
CA ALA C 112 8.89 -15.41 -15.31
C ALA C 112 8.94 -16.81 -14.70
N LYS C 113 8.04 -17.68 -15.15
CA LYS C 113 7.99 -19.05 -14.68
C LYS C 113 8.99 -19.88 -15.51
N PRO C 114 9.37 -21.08 -15.03
CA PRO C 114 10.34 -21.93 -15.76
C PRO C 114 10.03 -22.24 -17.21
N ALA C 115 8.76 -22.51 -17.51
CA ALA C 115 8.38 -22.84 -18.87
C ALA C 115 8.67 -21.71 -19.86
N GLY C 116 8.35 -20.49 -19.47
CA GLY C 116 8.58 -19.35 -20.33
C GLY C 116 9.88 -18.59 -20.11
N ARG C 117 10.62 -18.96 -19.07
CA ARG C 117 11.89 -18.30 -18.74
C ARG C 117 12.88 -18.21 -19.90
N PRO C 118 12.95 -19.25 -20.75
CA PRO C 118 13.89 -19.18 -21.88
C PRO C 118 13.37 -18.39 -23.07
N LEU C 119 12.11 -17.93 -22.98
CA LEU C 119 11.51 -17.18 -24.07
C LEU C 119 11.55 -15.66 -23.94
N VAL C 120 12.13 -15.18 -22.85
CA VAL C 120 12.23 -13.73 -22.63
C VAL C 120 13.69 -13.30 -22.61
N ASP C 121 13.96 -12.10 -23.11
CA ASP C 121 15.33 -11.58 -23.13
C ASP C 121 15.80 -11.15 -21.76
N ASP C 122 14.86 -10.74 -20.91
CA ASP C 122 15.20 -10.31 -19.56
C ASP C 122 13.97 -10.23 -18.66
N TYR C 123 14.16 -10.49 -17.37
CA TYR C 123 13.10 -10.43 -16.38
C TYR C 123 13.68 -10.16 -15.00
N VAL C 124 12.82 -9.93 -14.03
CA VAL C 124 13.28 -9.61 -12.67
C VAL C 124 13.11 -10.72 -11.64
N VAL C 125 11.86 -11.11 -11.39
CA VAL C 125 11.56 -12.13 -10.38
C VAL C 125 11.24 -13.53 -10.92
N ASP C 126 11.77 -14.53 -10.23
CA ASP C 126 11.56 -15.93 -10.59
C ASP C 126 10.36 -16.48 -9.84
N ILE C 127 9.48 -17.18 -10.55
CA ILE C 127 8.27 -17.73 -9.96
C ILE C 127 8.08 -19.21 -10.32
N PRO C 128 7.70 -20.03 -9.33
CA PRO C 128 7.47 -21.46 -9.56
C PRO C 128 6.25 -21.72 -10.43
N GLN C 129 6.38 -22.72 -11.31
CA GLN C 129 5.31 -23.10 -12.23
C GLN C 129 3.94 -23.31 -11.58
N ASP C 130 3.94 -23.88 -10.39
CA ASP C 130 2.70 -24.16 -9.65
C ASP C 130 2.14 -22.94 -8.90
N THR C 131 2.93 -21.86 -8.84
CA THR C 131 2.52 -20.66 -8.13
C THR C 131 1.77 -19.64 -8.98
N TRP C 132 0.58 -19.25 -8.54
CA TRP C 132 -0.23 -18.25 -9.24
C TRP C 132 0.16 -16.88 -8.70
N ILE C 133 0.17 -15.88 -9.58
CA ILE C 133 0.54 -14.52 -9.21
C ILE C 133 -0.68 -13.60 -9.19
N GLU C 134 -0.96 -13.01 -8.03
CA GLU C 134 -2.08 -12.09 -7.92
C GLU C 134 -1.55 -10.70 -8.18
N GLN C 135 -1.87 -10.15 -9.36
CA GLN C 135 -1.42 -8.82 -9.71
C GLN C 135 -2.20 -7.76 -8.97
N PRO C 136 -1.61 -6.57 -8.80
CA PRO C 136 -2.22 -5.44 -8.08
C PRO C 136 -3.52 -4.95 -8.66
N TRP C 137 -3.64 -5.03 -9.98
CA TRP C 137 -4.84 -4.54 -10.62
C TRP C 137 -6.06 -5.41 -10.43
N ASP C 138 -5.85 -6.63 -9.95
CA ASP C 138 -6.94 -7.56 -9.70
C ASP C 138 -7.28 -7.60 -8.21
N MET C 139 -6.59 -6.78 -7.43
CA MET C 139 -6.80 -6.74 -5.99
C MET C 139 -7.27 -5.37 -5.49
N GLY C 140 -7.57 -5.29 -4.20
CA GLY C 140 -8.04 -4.05 -3.61
C GLY C 140 -8.06 -4.12 -2.10
N VAL C 141 -7.93 -2.96 -1.46
CA VAL C 141 -7.93 -2.87 0.00
C VAL C 141 -9.38 -2.93 0.49
N VAL C 142 -9.73 -4.04 1.14
CA VAL C 142 -11.09 -4.24 1.65
C VAL C 142 -11.08 -4.88 3.03
N PHE C 143 -12.23 -4.81 3.71
CA PHE C 143 -12.39 -5.39 5.05
C PHE C 143 -12.12 -6.89 5.04
N VAL C 144 -11.37 -7.34 6.03
CA VAL C 144 -11.02 -8.76 6.18
C VAL C 144 -11.28 -9.15 7.62
N PRO C 145 -12.30 -9.99 7.87
CA PRO C 145 -12.69 -10.47 9.20
C PRO C 145 -11.53 -11.07 10.00
N PRO C 146 -11.56 -10.91 11.33
CA PRO C 146 -10.49 -11.44 12.20
C PRO C 146 -10.43 -12.96 12.08
N ILE C 147 -9.23 -13.50 12.24
CA ILE C 147 -9.03 -14.94 12.18
C ILE C 147 -9.81 -15.62 13.30
N SER C 148 -9.90 -14.96 14.45
CA SER C 148 -10.62 -15.48 15.60
C SER C 148 -11.94 -14.74 15.81
N GLU D 1 0.59 21.99 0.15
CA GLU D 1 0.23 22.47 -1.19
C GLU D 1 0.21 21.32 -2.19
N LYS D 2 0.92 20.25 -1.88
CA LYS D 2 0.98 19.08 -2.75
C LYS D 2 -0.13 18.08 -2.43
N TYR D 3 -0.49 17.26 -3.40
CA TYR D 3 -1.53 16.27 -3.22
C TYR D 3 -0.97 14.88 -3.52
N ILE D 4 -0.73 14.11 -2.46
CA ILE D 4 -0.17 12.77 -2.59
C ILE D 4 -1.23 11.74 -2.97
N VAL D 5 -1.00 11.05 -4.09
CA VAL D 5 -1.91 10.02 -4.56
C VAL D 5 -1.21 8.68 -4.54
N THR D 6 -1.63 7.81 -3.62
CA THR D 6 -1.06 6.48 -3.52
C THR D 6 -1.76 5.54 -4.49
N TRP D 7 -1.09 4.47 -4.89
CA TRP D 7 -1.66 3.50 -5.82
C TRP D 7 -3.04 3.00 -5.37
N ASP D 8 -3.18 2.70 -4.08
CA ASP D 8 -4.45 2.23 -3.54
C ASP D 8 -5.58 3.21 -3.80
N MET D 9 -5.30 4.49 -3.57
CA MET D 9 -6.29 5.55 -3.77
C MET D 9 -6.61 5.78 -5.24
N LEU D 10 -5.59 5.74 -6.09
CA LEU D 10 -5.76 5.92 -7.52
C LEU D 10 -6.65 4.80 -8.06
N GLN D 11 -6.50 3.61 -7.49
CA GLN D 11 -7.26 2.44 -7.88
C GLN D 11 -8.73 2.58 -7.49
N ILE D 12 -8.98 3.18 -6.32
CA ILE D 12 -10.33 3.38 -5.83
C ILE D 12 -11.09 4.35 -6.74
N HIS D 13 -10.42 5.42 -7.14
CA HIS D 13 -11.02 6.43 -8.01
C HIS D 13 -11.32 5.83 -9.38
N ALA D 14 -10.40 5.00 -9.87
CA ALA D 14 -10.54 4.35 -11.16
C ALA D 14 -11.77 3.45 -11.19
N ARG D 15 -12.04 2.79 -10.06
CA ARG D 15 -13.19 1.90 -9.96
C ARG D 15 -14.50 2.69 -9.89
N LYS D 16 -14.47 3.85 -9.24
CA LYS D 16 -15.65 4.69 -9.15
C LYS D 16 -16.02 5.19 -10.55
N LEU D 17 -15.00 5.52 -11.34
CA LEU D 17 -15.20 5.99 -12.69
C LEU D 17 -15.67 4.85 -13.60
N ALA D 18 -15.17 3.64 -13.34
CA ALA D 18 -15.52 2.47 -14.12
C ALA D 18 -17.01 2.14 -14.02
N SER D 19 -17.58 2.32 -12.83
CA SER D 19 -19.00 2.04 -12.60
C SER D 19 -19.89 3.03 -13.36
N ARG D 20 -19.37 4.23 -13.62
CA ARG D 20 -20.12 5.25 -14.35
C ARG D 20 -20.06 4.98 -15.86
N LEU D 21 -19.11 4.15 -16.28
CA LEU D 21 -18.96 3.82 -17.69
C LEU D 21 -19.74 2.56 -18.07
N MET D 22 -20.46 2.01 -17.09
CA MET D 22 -21.28 0.83 -17.33
C MET D 22 -22.47 1.24 -18.20
N PRO D 23 -22.95 0.32 -19.05
CA PRO D 23 -22.50 -1.05 -19.29
C PRO D 23 -21.21 -1.11 -20.10
N SER D 24 -20.46 -2.20 -19.95
CA SER D 24 -19.20 -2.38 -20.67
C SER D 24 -19.44 -2.57 -22.16
N GLU D 25 -20.59 -3.16 -22.48
CA GLU D 25 -20.97 -3.45 -23.87
C GLU D 25 -21.13 -2.25 -24.79
N GLN D 26 -21.26 -1.05 -24.21
CA GLN D 26 -21.42 0.17 -25.02
C GLN D 26 -20.08 0.75 -25.50
N TRP D 27 -19.00 0.01 -25.28
CA TRP D 27 -17.67 0.46 -25.69
C TRP D 27 -16.97 -0.51 -26.64
N LYS D 28 -16.22 0.05 -27.58
CA LYS D 28 -15.47 -0.74 -28.56
C LYS D 28 -14.02 -0.89 -28.14
N GLY D 29 -13.54 0.07 -27.36
CA GLY D 29 -12.16 0.04 -26.88
C GLY D 29 -11.82 1.26 -26.05
N ILE D 30 -10.56 1.36 -25.64
CA ILE D 30 -10.10 2.49 -24.82
C ILE D 30 -8.80 3.04 -25.39
N ILE D 31 -8.73 4.37 -25.45
CA ILE D 31 -7.53 5.06 -25.94
C ILE D 31 -6.90 5.82 -24.79
N ALA D 32 -5.79 5.30 -24.29
CA ALA D 32 -5.07 5.92 -23.17
C ALA D 32 -4.08 6.97 -23.64
N VAL D 33 -4.13 8.15 -23.02
CA VAL D 33 -3.22 9.23 -23.37
C VAL D 33 -1.88 9.01 -22.68
N SER D 34 -0.84 8.80 -23.47
CA SER D 34 0.51 8.57 -22.97
C SER D 34 1.08 9.88 -22.42
N ARG D 35 1.67 9.85 -21.22
CA ARG D 35 1.83 8.65 -20.40
C ARG D 35 0.88 8.61 -19.19
N GLY D 36 0.34 9.77 -18.82
CA GLY D 36 -0.53 9.85 -17.67
C GLY D 36 -1.74 8.93 -17.62
N GLY D 37 -2.38 8.73 -18.77
CA GLY D 37 -3.55 7.87 -18.83
C GLY D 37 -3.31 6.38 -19.01
N LEU D 38 -2.04 5.97 -19.06
CA LEU D 38 -1.71 4.55 -19.25
C LEU D 38 -2.20 3.67 -18.10
N VAL D 39 -1.80 4.02 -16.87
CA VAL D 39 -2.22 3.25 -15.70
C VAL D 39 -3.73 3.34 -15.44
N PRO D 40 -4.32 4.55 -15.54
CA PRO D 40 -5.76 4.64 -15.31
C PRO D 40 -6.56 3.89 -16.38
N GLY D 41 -6.06 3.95 -17.62
CA GLY D 41 -6.72 3.28 -18.71
C GLY D 41 -6.65 1.77 -18.55
N ALA D 42 -5.55 1.31 -17.98
CA ALA D 42 -5.32 -0.12 -17.74
C ALA D 42 -6.29 -0.63 -16.68
N LEU D 43 -6.59 0.21 -15.68
CA LEU D 43 -7.50 -0.17 -14.61
C LEU D 43 -8.94 -0.26 -15.11
N LEU D 44 -9.35 0.68 -15.95
CA LEU D 44 -10.69 0.67 -16.52
C LEU D 44 -10.86 -0.56 -17.40
N ALA D 45 -9.85 -0.85 -18.20
CA ALA D 45 -9.87 -2.01 -19.10
C ALA D 45 -10.05 -3.31 -18.32
N ARG D 46 -9.58 -3.33 -17.07
CA ARG D 46 -9.69 -4.50 -16.21
C ARG D 46 -11.12 -4.61 -15.66
N GLU D 47 -11.64 -3.48 -15.17
CA GLU D 47 -12.99 -3.44 -14.61
C GLU D 47 -14.09 -3.61 -15.65
N LEU D 48 -13.95 -2.97 -16.80
CA LEU D 48 -14.93 -3.07 -17.86
C LEU D 48 -14.73 -4.31 -18.73
N GLY D 49 -13.62 -5.01 -18.51
CA GLY D 49 -13.33 -6.21 -19.28
C GLY D 49 -13.01 -5.92 -20.74
N ILE D 50 -12.42 -4.77 -20.99
CA ILE D 50 -12.05 -4.36 -22.34
C ILE D 50 -10.61 -4.75 -22.63
N ARG D 51 -10.41 -5.53 -23.69
CA ARG D 51 -9.09 -5.97 -24.09
C ARG D 51 -8.48 -5.10 -25.20
N HIS D 52 -9.31 -4.30 -25.85
CA HIS D 52 -8.84 -3.40 -26.90
C HIS D 52 -8.39 -2.07 -26.29
N VAL D 53 -7.11 -1.99 -25.97
CA VAL D 53 -6.55 -0.78 -25.39
C VAL D 53 -5.47 -0.23 -26.32
N ASP D 54 -5.60 1.06 -26.66
CA ASP D 54 -4.64 1.71 -27.53
C ASP D 54 -4.15 3.01 -26.90
N THR D 55 -3.12 3.60 -27.49
CA THR D 55 -2.53 4.84 -26.96
C THR D 55 -2.46 5.97 -27.97
N VAL D 56 -2.25 7.17 -27.45
CA VAL D 56 -2.11 8.37 -28.26
C VAL D 56 -1.08 9.26 -27.57
N ALA D 57 0.05 9.45 -28.22
CA ALA D 57 1.13 10.26 -27.66
C ALA D 57 1.29 11.61 -28.35
N ILE D 58 0.87 12.67 -27.66
CA ILE D 58 1.00 14.03 -28.18
C ILE D 58 2.38 14.52 -27.71
N SER D 59 2.72 15.76 -28.06
CA SER D 59 4.02 16.28 -27.65
C SER D 59 4.10 17.79 -27.61
N SER D 60 4.83 18.30 -26.62
CA SER D 60 5.02 19.73 -26.43
C SER D 60 6.34 20.15 -27.06
N TYR D 61 6.27 20.88 -28.17
CA TYR D 61 7.46 21.33 -28.88
C TYR D 61 7.30 22.78 -29.35
N LEU D 69 0.01 19.24 -30.09
CA LEU D 69 0.95 19.80 -31.05
C LEU D 69 1.61 18.72 -31.91
N LYS D 70 2.63 18.06 -31.36
CA LYS D 70 3.35 17.01 -32.09
C LYS D 70 2.74 15.64 -31.80
N VAL D 71 2.14 15.04 -32.82
CA VAL D 71 1.51 13.72 -32.69
C VAL D 71 2.51 12.61 -32.96
N LEU D 72 3.21 12.18 -31.92
CA LEU D 72 4.21 11.11 -32.01
C LEU D 72 3.56 9.82 -32.54
N LYS D 73 2.40 9.48 -31.97
CA LYS D 73 1.65 8.30 -32.36
C LYS D 73 0.18 8.55 -32.02
N ARG D 74 -0.72 7.95 -32.79
CA ARG D 74 -2.15 8.12 -32.57
C ARG D 74 -2.97 6.93 -33.02
N ALA D 75 -4.10 6.73 -32.37
CA ALA D 75 -5.03 5.65 -32.71
C ALA D 75 -5.82 6.11 -33.92
N GLU D 76 -6.31 5.16 -34.72
CA GLU D 76 -7.08 5.49 -35.91
C GLU D 76 -8.55 5.80 -35.62
N GLY D 77 -9.14 6.65 -36.44
CA GLY D 77 -10.54 7.00 -36.30
C GLY D 77 -10.86 8.26 -35.51
N ASP D 78 -12.15 8.53 -35.39
CA ASP D 78 -12.65 9.70 -34.66
C ASP D 78 -13.06 9.36 -33.22
N GLY D 79 -12.83 8.10 -32.84
CA GLY D 79 -13.15 7.66 -31.49
C GLY D 79 -14.60 7.25 -31.24
N GLU D 80 -15.26 6.68 -32.24
CA GLU D 80 -16.64 6.25 -32.09
C GLU D 80 -16.69 4.97 -31.27
N GLY D 81 -17.32 5.05 -30.09
CA GLY D 81 -17.44 3.89 -29.21
C GLY D 81 -16.23 3.70 -28.30
N PHE D 82 -15.25 4.60 -28.42
CA PHE D 82 -14.04 4.53 -27.61
C PHE D 82 -14.10 5.49 -26.43
N ILE D 83 -13.13 5.35 -25.52
CA ILE D 83 -13.02 6.20 -24.35
C ILE D 83 -11.59 6.72 -24.25
N VAL D 84 -11.43 8.03 -24.36
CA VAL D 84 -10.11 8.65 -24.27
C VAL D 84 -9.89 9.01 -22.81
N ILE D 85 -8.88 8.42 -22.19
CA ILE D 85 -8.62 8.69 -20.79
C ILE D 85 -7.23 9.25 -20.49
N ASP D 86 -7.18 10.12 -19.49
CA ASP D 86 -5.95 10.75 -19.03
C ASP D 86 -6.08 10.80 -17.51
N ASP D 87 -4.98 11.04 -16.81
CA ASP D 87 -5.02 11.10 -15.35
C ASP D 87 -5.63 12.37 -14.77
N LEU D 88 -5.38 13.51 -15.41
CA LEU D 88 -5.93 14.78 -14.92
C LEU D 88 -6.03 15.87 -15.99
N VAL D 89 -6.77 16.92 -15.67
CA VAL D 89 -6.95 18.07 -16.55
C VAL D 89 -6.73 19.35 -15.76
N ASP D 90 -5.57 19.96 -15.98
CA ASP D 90 -5.20 21.20 -15.29
C ASP D 90 -5.86 22.38 -15.98
N THR D 91 -5.32 22.76 -17.13
CA THR D 91 -5.85 23.88 -17.91
C THR D 91 -6.76 23.38 -19.02
N GLY D 92 -6.37 22.29 -19.67
CA GLY D 92 -7.16 21.72 -20.74
C GLY D 92 -6.54 21.92 -22.11
N GLY D 93 -5.31 22.43 -22.14
CA GLY D 93 -4.62 22.66 -23.39
C GLY D 93 -4.37 21.38 -24.15
N THR D 94 -4.23 20.28 -23.41
CA THR D 94 -3.99 18.97 -23.99
C THR D 94 -5.32 18.28 -24.31
N ALA D 95 -6.37 18.68 -23.58
CA ALA D 95 -7.71 18.12 -23.77
C ALA D 95 -8.34 18.62 -25.07
N VAL D 96 -7.98 19.84 -25.46
CA VAL D 96 -8.50 20.45 -26.69
C VAL D 96 -8.03 19.66 -27.92
N ALA D 97 -6.75 19.29 -27.91
CA ALA D 97 -6.16 18.54 -29.00
C ALA D 97 -6.79 17.15 -29.11
N ILE D 98 -7.12 16.56 -27.98
CA ILE D 98 -7.74 15.24 -27.92
C ILE D 98 -9.18 15.29 -28.42
N ARG D 99 -9.84 16.43 -28.18
CA ARG D 99 -11.22 16.63 -28.61
C ARG D 99 -11.34 16.68 -30.13
N GLU D 100 -10.31 17.23 -30.77
CA GLU D 100 -10.27 17.37 -32.22
C GLU D 100 -9.94 16.07 -32.92
N MET D 101 -8.97 15.32 -32.38
CA MET D 101 -8.55 14.05 -32.96
C MET D 101 -9.65 13.00 -32.82
N TYR D 102 -10.30 12.96 -31.67
CA TYR D 102 -11.36 12.01 -31.40
C TYR D 102 -12.62 12.74 -30.93
N PRO D 103 -13.41 13.27 -31.89
CA PRO D 103 -14.64 14.01 -31.60
C PRO D 103 -15.77 13.17 -30.98
N LYS D 104 -15.99 11.97 -31.53
CA LYS D 104 -17.04 11.09 -31.04
C LYS D 104 -16.62 10.23 -29.83
N ALA D 105 -15.44 10.51 -29.28
CA ALA D 105 -14.93 9.78 -28.14
C ALA D 105 -15.37 10.35 -26.80
N HIS D 106 -15.59 9.47 -25.83
CA HIS D 106 -15.99 9.86 -24.48
C HIS D 106 -14.74 10.13 -23.65
N PHE D 107 -14.38 11.41 -23.54
CA PHE D 107 -13.19 11.85 -22.80
C PHE D 107 -13.41 11.91 -21.29
N VAL D 108 -12.63 11.12 -20.56
CA VAL D 108 -12.70 11.07 -19.10
C VAL D 108 -11.33 11.12 -18.46
N THR D 109 -11.27 11.64 -17.23
CA THR D 109 -10.03 11.74 -16.47
C THR D 109 -10.31 11.42 -15.00
N ILE D 110 -9.26 11.18 -14.22
CA ILE D 110 -9.43 10.87 -12.81
C ILE D 110 -9.62 12.17 -12.02
N PHE D 111 -8.64 13.06 -12.13
CA PHE D 111 -8.70 14.34 -11.44
C PHE D 111 -9.04 15.47 -12.41
N ALA D 112 -9.58 16.56 -11.86
CA ALA D 112 -9.97 17.70 -12.68
C ALA D 112 -9.92 19.02 -11.93
N LYS D 113 -9.18 19.97 -12.49
CA LYS D 113 -9.05 21.30 -11.90
C LYS D 113 -10.09 22.21 -12.57
N PRO D 114 -10.49 23.30 -11.89
CA PRO D 114 -11.48 24.27 -12.37
C PRO D 114 -11.39 24.67 -13.85
N ALA D 115 -10.19 25.00 -14.32
CA ALA D 115 -9.99 25.41 -15.70
C ALA D 115 -10.25 24.33 -16.75
N GLY D 116 -10.02 23.07 -16.38
CA GLY D 116 -10.23 21.97 -17.31
C GLY D 116 -11.52 21.17 -17.15
N ARG D 117 -12.30 21.46 -16.12
CA ARG D 117 -13.56 20.74 -15.88
C ARG D 117 -14.54 20.70 -17.05
N PRO D 118 -14.74 21.83 -17.76
CA PRO D 118 -15.68 21.80 -18.88
C PRO D 118 -15.18 21.06 -20.11
N LEU D 119 -13.88 20.82 -20.18
CA LEU D 119 -13.28 20.13 -21.31
C LEU D 119 -13.52 18.61 -21.32
N VAL D 120 -13.75 18.04 -20.14
CA VAL D 120 -13.99 16.59 -20.03
C VAL D 120 -15.47 16.22 -19.91
N ASP D 121 -15.79 15.00 -20.35
CA ASP D 121 -17.16 14.49 -20.28
C ASP D 121 -17.46 14.01 -18.87
N ASP D 122 -16.43 13.53 -18.18
CA ASP D 122 -16.58 13.04 -16.82
C ASP D 122 -15.22 12.84 -16.13
N TYR D 123 -15.22 12.98 -14.81
CA TYR D 123 -14.04 12.83 -13.98
C TYR D 123 -14.49 12.39 -12.59
N VAL D 124 -13.55 12.09 -11.70
CA VAL D 124 -13.91 11.65 -10.36
C VAL D 124 -13.61 12.62 -9.23
N VAL D 125 -12.37 13.11 -9.16
CA VAL D 125 -11.98 14.02 -8.08
C VAL D 125 -11.70 15.46 -8.48
N ASP D 126 -12.14 16.39 -7.64
CA ASP D 126 -11.93 17.82 -7.86
C ASP D 126 -10.69 18.29 -7.12
N ILE D 127 -9.77 18.91 -7.86
CA ILE D 127 -8.52 19.41 -7.29
C ILE D 127 -8.39 20.90 -7.57
N PRO D 128 -7.91 21.67 -6.57
CA PRO D 128 -7.74 23.12 -6.76
C PRO D 128 -6.72 23.43 -7.84
N GLN D 129 -6.85 24.60 -8.46
CA GLN D 129 -5.94 25.01 -9.54
C GLN D 129 -4.50 25.20 -9.06
N ASP D 130 -4.33 25.49 -7.77
CA ASP D 130 -3.00 25.70 -7.19
C ASP D 130 -2.35 24.43 -6.64
N THR D 131 -3.12 23.35 -6.54
CA THR D 131 -2.61 22.10 -6.01
C THR D 131 -1.92 21.19 -7.02
N TRP D 132 -0.71 20.75 -6.68
CA TRP D 132 0.05 19.85 -7.54
C TRP D 132 -0.26 18.40 -7.14
N ILE D 133 -0.74 17.63 -8.11
CA ILE D 133 -1.08 16.23 -7.89
C ILE D 133 0.16 15.37 -8.08
N GLU D 134 0.68 14.85 -6.97
CA GLU D 134 1.86 14.01 -7.01
C GLU D 134 1.41 12.57 -7.23
N GLN D 135 1.49 12.13 -8.48
CA GLN D 135 1.09 10.78 -8.88
C GLN D 135 1.96 9.68 -8.29
N PRO D 136 1.40 8.45 -8.15
CA PRO D 136 2.12 7.30 -7.60
C PRO D 136 3.31 6.79 -8.41
N TRP D 137 3.27 6.96 -9.73
CA TRP D 137 4.37 6.51 -10.57
C TRP D 137 5.62 7.38 -10.42
N ASP D 138 5.45 8.57 -9.86
CA ASP D 138 6.58 9.48 -9.64
C ASP D 138 7.13 9.32 -8.22
N MET D 139 6.52 8.43 -7.44
CA MET D 139 6.95 8.21 -6.07
C MET D 139 7.42 6.79 -5.79
N GLY D 140 7.83 6.55 -4.55
CA GLY D 140 8.30 5.24 -4.13
C GLY D 140 8.49 5.17 -2.63
N VAL D 141 8.52 3.96 -2.10
CA VAL D 141 8.70 3.73 -0.65
C VAL D 141 10.18 3.79 -0.29
N VAL D 142 10.60 4.91 0.28
CA VAL D 142 12.00 5.08 0.68
C VAL D 142 12.08 5.44 2.15
N PHE D 143 13.29 5.32 2.71
CA PHE D 143 13.53 5.65 4.11
C PHE D 143 13.36 7.14 4.38
N VAL D 144 12.56 7.46 5.39
CA VAL D 144 12.32 8.84 5.78
C VAL D 144 12.87 9.02 7.19
N PRO D 145 13.80 9.97 7.37
CA PRO D 145 14.42 10.26 8.67
C PRO D 145 13.40 10.64 9.74
N PRO D 146 13.70 10.35 11.02
CA PRO D 146 12.77 10.68 12.10
C PRO D 146 12.65 12.20 12.27
N ILE D 147 11.45 12.66 12.57
CA ILE D 147 11.20 14.09 12.76
C ILE D 147 11.96 14.66 13.96
N SER D 148 12.51 13.78 14.79
CA SER D 148 13.27 14.18 15.97
C SER D 148 14.77 14.07 15.73
#